data_6A1N
#
_entry.id   6A1N
#
_cell.length_a   138.156
_cell.length_b   138.156
_cell.length_c   111.838
_cell.angle_alpha   90.00
_cell.angle_beta   90.00
_cell.angle_gamma   90.00
#
_symmetry.space_group_name_H-M   'I 4 2 2'
#
loop_
_entity.id
_entity.type
_entity.pdbx_description
1 polymer '4-hydroxymandelate oxidase'
2 non-polymer 'FLAVIN MONONUCLEOTIDE'
3 non-polymer GLYCEROL
4 non-polymer '(2R,3S)-3-fluoro-2-hydroxy-3-phenylpropanoic acid'
5 water water
#
_entity_poly.entity_id   1
_entity_poly.type   'polypeptide(L)'
_entity_poly.pdbx_seq_one_letter_code
;MGSSHHHHHHSSGLVPRGSHMTYVSLADLERAARDVLPGEIFDFLAGGSGTEASLVANRTALERVFVIPRMLRDLTDVTT
EIDIFGRRAALPMAVAPVAYQRLFHPEGELAVARAARDAGVPYTICTLSSVSLEEIAAVGGRPWFQLFWLRDEKRSLDLV
RRAEDAGCEAIVFTVDVPWMGRRLRDMRNGFALPEWVTAANFDAGTAAHRRTQGVSAVADHTAREFAPATWESVEAVRAH
TDLPVVLKGILAVEDARRAVDAGAGGIVVSNHGGRQLDGAVPGIEMLGEIVAAVSGGCEVLVDGGIRSGGDVLKATALGA
SAVLVGRPVMWALAAAGQDGVRQLLELLAEEVRDAMGLAGCESVGAARRLNTKLGVV
;
_entity_poly.pdbx_strand_id   A
#
# COMPACT_ATOMS: atom_id res chain seq x y z
N TYR A 23 -22.96 1.22 -0.59
CA TYR A 23 -21.81 2.00 -0.09
C TYR A 23 -21.49 3.15 -1.04
N VAL A 24 -21.45 4.37 -0.52
CA VAL A 24 -21.18 5.55 -1.35
C VAL A 24 -19.89 6.26 -0.96
N SER A 25 -19.23 5.81 0.11
CA SER A 25 -17.90 6.27 0.53
C SER A 25 -17.19 5.11 1.21
N LEU A 26 -15.85 5.22 1.31
CA LEU A 26 -15.11 4.21 2.03
C LEU A 26 -15.48 4.19 3.49
N ALA A 27 -15.97 5.32 4.03
CA ALA A 27 -16.36 5.36 5.44
C ALA A 27 -17.58 4.51 5.72
N ASP A 28 -18.45 4.30 4.72
CA ASP A 28 -19.54 3.33 4.91
C ASP A 28 -18.97 1.96 5.25
N LEU A 29 -17.87 1.58 4.60
CA LEU A 29 -17.34 0.24 4.85
C LEU A 29 -16.73 0.13 6.25
N GLU A 30 -16.12 1.20 6.78
CA GLU A 30 -15.57 1.10 8.13
C GLU A 30 -16.68 0.85 9.15
N ARG A 31 -17.81 1.56 9.00
CA ARG A 31 -18.93 1.33 9.92
C ARG A 31 -19.37 -0.12 9.84
N ALA A 32 -19.48 -0.65 8.62
CA ALA A 32 -19.88 -2.04 8.45
C ALA A 32 -18.89 -3.01 9.10
N ALA A 33 -17.58 -2.76 8.94
CA ALA A 33 -16.61 -3.68 9.53
C ALA A 33 -16.59 -3.60 11.05
N ARG A 34 -16.81 -2.42 11.62
CA ARG A 34 -16.83 -2.34 13.08
C ARG A 34 -17.97 -3.17 13.65
N ASP A 35 -19.13 -3.18 12.99
CA ASP A 35 -20.26 -4.00 13.46
C ASP A 35 -19.88 -5.48 13.52
N VAL A 36 -19.26 -6.01 12.47
CA VAL A 36 -19.09 -7.45 12.37
C VAL A 36 -17.88 -7.97 13.15
N LEU A 37 -16.76 -7.20 13.19
CA LEU A 37 -15.57 -7.88 13.71
C LEU A 37 -15.53 -7.88 15.23
N PRO A 38 -14.95 -8.91 15.82
CA PRO A 38 -14.62 -8.88 17.24
C PRO A 38 -13.78 -7.66 17.55
N GLY A 39 -13.99 -7.08 18.73
CA GLY A 39 -13.32 -5.83 19.06
C GLY A 39 -11.81 -5.90 18.96
N GLU A 40 -11.21 -7.00 19.44
CA GLU A 40 -9.76 -7.05 19.47
CA GLU A 40 -9.75 -7.06 19.47
C GLU A 40 -9.18 -7.18 18.07
N ILE A 41 -9.92 -7.81 17.15
CA ILE A 41 -9.49 -7.87 15.76
C ILE A 41 -9.67 -6.52 15.09
N PHE A 42 -10.79 -5.83 15.33
CA PHE A 42 -10.94 -4.47 14.84
C PHE A 42 -9.81 -3.57 15.35
N ASP A 43 -9.40 -3.75 16.62
CA ASP A 43 -8.31 -2.93 17.15
C ASP A 43 -6.97 -3.29 16.52
N PHE A 44 -6.72 -4.57 16.24
CA PHE A 44 -5.47 -4.97 15.57
C PHE A 44 -5.39 -4.28 14.21
N LEU A 45 -6.53 -4.23 13.51
CA LEU A 45 -6.63 -3.59 12.20
C LEU A 45 -6.49 -2.05 12.30
N ALA A 46 -7.29 -1.42 13.17
CA ALA A 46 -7.41 0.04 13.22
C ALA A 46 -6.21 0.71 13.87
N GLY A 47 -5.59 0.05 14.83
CA GLY A 47 -4.62 0.72 15.70
C GLY A 47 -3.30 1.14 15.08
N GLY A 48 -2.61 1.95 15.88
CA GLY A 48 -1.25 2.37 15.57
C GLY A 48 -0.37 2.16 16.77
N SER A 49 0.89 2.61 16.70
CA SER A 49 1.80 2.48 17.80
C SER A 49 1.68 3.68 18.75
N GLY A 50 2.10 3.45 20.00
CA GLY A 50 2.20 4.56 20.95
C GLY A 50 0.90 5.30 21.18
N THR A 51 0.94 6.64 21.09
CA THR A 51 -0.23 7.49 21.23
C THR A 51 -1.07 7.59 19.95
N GLU A 52 -0.67 6.89 18.88
CA GLU A 52 -1.34 6.95 17.59
C GLU A 52 -1.25 8.33 16.94
N ALA A 53 -0.22 9.10 17.29
CA ALA A 53 -0.03 10.41 16.68
C ALA A 53 0.22 10.31 15.18
N SER A 54 1.00 9.31 14.74
CA SER A 54 1.30 9.21 13.31
C SER A 54 0.09 8.67 12.54
N LEU A 55 -0.70 7.79 13.18
CA LEU A 55 -1.95 7.33 12.57
C LEU A 55 -2.89 8.50 12.28
N VAL A 56 -3.10 9.37 13.27
CA VAL A 56 -3.97 10.54 13.06
C VAL A 56 -3.36 11.49 12.06
N ALA A 57 -2.03 11.71 12.15
CA ALA A 57 -1.38 12.64 11.23
C ALA A 57 -1.52 12.25 9.77
N ASN A 58 -1.59 10.94 9.46
CA ASN A 58 -1.77 10.58 8.05
C ASN A 58 -3.07 11.17 7.52
N ARG A 59 -4.12 11.16 8.33
CA ARG A 59 -5.36 11.80 7.87
C ARG A 59 -5.30 13.31 7.90
N THR A 60 -4.74 13.88 8.97
N THR A 60 -4.72 13.90 8.94
CA THR A 60 -4.61 15.34 9.02
CA THR A 60 -4.71 15.36 8.97
C THR A 60 -3.89 15.85 7.80
C THR A 60 -3.82 15.94 7.88
N ALA A 61 -2.76 15.22 7.48
CA ALA A 61 -1.94 15.69 6.37
C ALA A 61 -2.72 15.72 5.07
N LEU A 62 -3.49 14.67 4.76
CA LEU A 62 -4.25 14.68 3.50
C LEU A 62 -5.33 15.73 3.55
N GLU A 63 -5.95 15.93 4.72
CA GLU A 63 -7.03 16.92 4.79
C GLU A 63 -6.53 18.35 4.59
N ARG A 64 -5.26 18.62 4.84
CA ARG A 64 -4.70 19.93 4.66
C ARG A 64 -4.40 20.24 3.20
N VAL A 65 -4.32 19.23 2.32
CA VAL A 65 -3.94 19.43 0.92
C VAL A 65 -5.20 19.78 0.14
N PHE A 66 -5.13 20.86 -0.62
CA PHE A 66 -6.20 21.18 -1.56
C PHE A 66 -5.65 21.17 -2.97
N VAL A 67 -6.47 20.70 -3.93
CA VAL A 67 -6.05 20.63 -5.34
C VAL A 67 -6.47 21.91 -6.05
N ILE A 68 -5.65 22.39 -6.96
CA ILE A 68 -6.02 23.50 -7.86
C ILE A 68 -6.45 22.87 -9.19
N PRO A 69 -7.75 22.64 -9.42
CA PRO A 69 -8.16 21.92 -10.65
C PRO A 69 -8.04 22.78 -11.90
N ARG A 70 -7.88 22.14 -13.04
CA ARG A 70 -7.88 22.84 -14.32
C ARG A 70 -9.22 22.59 -15.01
N MET A 71 -9.60 23.55 -15.84
CA MET A 71 -10.89 23.52 -16.51
C MET A 71 -10.71 23.48 -18.02
N LEU A 72 -11.77 23.04 -18.68
CA LEU A 72 -11.92 23.24 -20.12
C LEU A 72 -10.96 22.39 -20.96
N ARG A 73 -10.47 21.28 -20.38
CA ARG A 73 -9.59 20.37 -21.13
C ARG A 73 -10.39 19.26 -21.75
N ASP A 74 -9.80 18.62 -22.77
CA ASP A 74 -10.48 17.51 -23.44
C ASP A 74 -10.59 16.32 -22.51
N LEU A 75 -11.79 15.88 -22.23
CA LEU A 75 -12.08 14.74 -21.39
C LEU A 75 -12.75 13.64 -22.19
N THR A 76 -12.51 13.61 -23.50
CA THR A 76 -13.26 12.63 -24.30
C THR A 76 -12.89 11.20 -23.94
N ASP A 77 -11.63 10.94 -23.57
CA ASP A 77 -11.18 9.59 -23.23
C ASP A 77 -10.39 9.58 -21.92
N VAL A 78 -11.07 9.94 -20.82
CA VAL A 78 -10.42 9.93 -19.51
C VAL A 78 -10.05 8.49 -19.20
N THR A 79 -8.79 8.27 -18.81
CA THR A 79 -8.33 6.95 -18.42
C THR A 79 -7.64 7.06 -17.06
N THR A 80 -7.98 6.15 -16.15
CA THR A 80 -7.31 6.05 -14.87
C THR A 80 -6.17 5.04 -14.87
N GLU A 81 -5.81 4.48 -16.03
CA GLU A 81 -4.81 3.42 -16.09
C GLU A 81 -3.41 3.97 -15.93
N ILE A 82 -2.51 3.12 -15.42
CA ILE A 82 -1.08 3.44 -15.38
C ILE A 82 -0.33 2.20 -15.88
N ASP A 83 0.91 2.39 -16.22
CA ASP A 83 1.86 1.30 -16.41
C ASP A 83 2.84 1.35 -15.26
N ILE A 84 3.01 0.23 -14.59
CA ILE A 84 3.95 0.19 -13.47
C ILE A 84 4.56 -1.19 -13.38
N PHE A 85 5.89 -1.24 -13.21
CA PHE A 85 6.64 -2.52 -13.08
C PHE A 85 6.29 -3.46 -14.24
N GLY A 86 6.11 -2.87 -15.42
CA GLY A 86 5.95 -3.60 -16.66
C GLY A 86 4.53 -3.94 -17.06
N ARG A 87 3.53 -3.68 -16.21
CA ARG A 87 2.18 -4.10 -16.50
C ARG A 87 1.23 -2.93 -16.37
N ARG A 88 0.16 -2.99 -17.12
CA ARG A 88 -0.92 -2.01 -16.99
C ARG A 88 -1.67 -2.31 -15.71
N ALA A 89 -2.08 -1.27 -15.00
CA ALA A 89 -3.00 -1.40 -13.88
C ALA A 89 -4.18 -0.48 -14.15
N ALA A 90 -5.38 -0.86 -13.69
CA ALA A 90 -6.59 -0.13 -14.05
C ALA A 90 -6.74 1.20 -13.33
N LEU A 91 -6.04 1.38 -12.22
CA LEU A 91 -6.05 2.58 -11.38
C LEU A 91 -4.63 2.79 -10.90
N PRO A 92 -4.28 3.99 -10.44
CA PRO A 92 -2.96 4.21 -9.83
C PRO A 92 -2.98 3.77 -8.37
N MET A 93 -3.24 2.47 -8.14
CA MET A 93 -3.51 1.96 -6.81
CA MET A 93 -3.44 1.96 -6.80
C MET A 93 -3.18 0.47 -6.78
N ALA A 94 -2.66 -0.01 -5.64
CA ALA A 94 -2.52 -1.42 -5.37
C ALA A 94 -3.01 -1.68 -3.96
N VAL A 95 -3.40 -2.94 -3.66
CA VAL A 95 -3.74 -3.35 -2.31
C VAL A 95 -2.46 -3.46 -1.49
N ALA A 96 -2.39 -2.71 -0.38
CA ALA A 96 -1.20 -2.77 0.49
C ALA A 96 -1.05 -4.16 1.11
N PRO A 97 0.17 -4.53 1.48
CA PRO A 97 0.36 -5.77 2.27
C PRO A 97 -0.30 -5.61 3.62
N VAL A 98 -1.18 -6.56 3.97
CA VAL A 98 -1.76 -6.64 5.30
C VAL A 98 -1.67 -8.10 5.74
N ALA A 99 -0.94 -8.36 6.83
CA ALA A 99 -0.77 -9.74 7.29
C ALA A 99 -2.09 -10.38 7.73
N TYR A 100 -2.16 -11.73 7.58
CA TYR A 100 -3.17 -12.55 8.30
C TYR A 100 -4.62 -12.18 7.95
N GLN A 101 -4.94 -12.17 6.63
CA GLN A 101 -6.26 -11.68 6.25
C GLN A 101 -7.42 -12.61 6.64
N ARG A 102 -7.10 -13.86 7.01
CA ARG A 102 -8.15 -14.73 7.54
C ARG A 102 -8.66 -14.24 8.89
N LEU A 103 -7.96 -13.29 9.53
CA LEU A 103 -8.52 -12.67 10.71
C LEU A 103 -9.85 -12.00 10.41
N PHE A 104 -10.05 -11.52 9.18
CA PHE A 104 -11.16 -10.64 8.84
C PHE A 104 -12.32 -11.35 8.14
N HIS A 105 -12.03 -12.46 7.49
CA HIS A 105 -13.04 -13.21 6.75
C HIS A 105 -12.48 -14.59 6.50
N PRO A 106 -13.33 -15.63 6.45
CA PRO A 106 -12.78 -16.98 6.24
C PRO A 106 -12.04 -17.20 4.94
N GLU A 107 -12.39 -16.46 3.87
CA GLU A 107 -11.67 -16.64 2.61
C GLU A 107 -10.39 -15.81 2.59
N GLY A 108 -10.21 -14.90 3.55
CA GLY A 108 -8.93 -14.18 3.69
C GLY A 108 -8.38 -13.68 2.37
N GLU A 109 -7.09 -13.96 2.17
CA GLU A 109 -6.38 -13.40 1.03
C GLU A 109 -6.97 -13.81 -0.30
N LEU A 110 -7.58 -15.02 -0.38
CA LEU A 110 -8.09 -15.42 -1.70
C LEU A 110 -9.24 -14.53 -2.15
N ALA A 111 -10.11 -14.11 -1.20
CA ALA A 111 -11.20 -13.20 -1.51
C ALA A 111 -10.65 -11.85 -1.99
N VAL A 112 -9.63 -11.35 -1.30
CA VAL A 112 -9.13 -10.03 -1.69
C VAL A 112 -8.41 -10.12 -3.04
N ALA A 113 -7.60 -11.16 -3.24
CA ALA A 113 -6.85 -11.29 -4.47
C ALA A 113 -7.78 -11.47 -5.66
N ARG A 114 -8.88 -12.25 -5.49
CA ARG A 114 -9.81 -12.40 -6.61
C ARG A 114 -10.46 -11.07 -7.00
N ALA A 115 -10.89 -10.29 -5.99
CA ALA A 115 -11.49 -8.97 -6.28
C ALA A 115 -10.47 -8.03 -6.92
N ALA A 116 -9.23 -8.03 -6.42
CA ALA A 116 -8.21 -7.17 -7.03
C ALA A 116 -7.94 -7.56 -8.47
N ARG A 117 -7.79 -8.88 -8.74
CA ARG A 117 -7.62 -9.35 -10.11
C ARG A 117 -8.76 -8.88 -11.01
N ASP A 118 -10.00 -9.02 -10.52
CA ASP A 118 -11.13 -8.68 -11.39
C ASP A 118 -11.21 -7.18 -11.63
N ALA A 119 -10.70 -6.37 -10.68
CA ALA A 119 -10.68 -4.91 -10.82
C ALA A 119 -9.44 -4.41 -11.55
N GLY A 120 -8.49 -5.26 -11.88
CA GLY A 120 -7.30 -4.81 -12.56
C GLY A 120 -6.33 -4.08 -11.65
N VAL A 121 -6.32 -4.37 -10.36
CA VAL A 121 -5.52 -3.68 -9.35
CA VAL A 121 -5.35 -3.66 -9.56
C VAL A 121 -4.46 -4.68 -8.87
N PRO A 122 -3.18 -4.34 -8.77
CA PRO A 122 -2.22 -5.28 -8.17
C PRO A 122 -2.55 -5.55 -6.70
N TYR A 123 -2.29 -6.79 -6.29
CA TYR A 123 -2.49 -7.25 -4.92
C TYR A 123 -1.14 -7.65 -4.33
N THR A 124 -0.81 -7.16 -3.15
CA THR A 124 0.48 -7.49 -2.53
C THR A 124 0.30 -8.70 -1.59
N ILE A 125 0.89 -9.82 -2.00
CA ILE A 125 0.90 -11.03 -1.14
C ILE A 125 1.91 -10.83 -0.01
N CYS A 126 1.50 -11.12 1.21
CA CYS A 126 2.39 -10.90 2.37
C CYS A 126 3.24 -12.10 2.74
N THR A 127 4.45 -11.84 3.23
CA THR A 127 5.24 -12.88 3.90
C THR A 127 4.43 -13.59 4.97
N LEU A 128 3.65 -12.85 5.78
CA LEU A 128 2.80 -13.41 6.84
C LEU A 128 1.36 -13.58 6.36
N SER A 129 1.20 -14.07 5.15
CA SER A 129 -0.16 -14.39 4.66
C SER A 129 -0.70 -15.64 5.37
N SER A 130 -2.02 -15.65 5.54
CA SER A 130 -2.70 -16.80 6.16
C SER A 130 -3.16 -17.85 5.16
N VAL A 131 -2.88 -17.65 3.89
CA VAL A 131 -2.97 -18.63 2.80
C VAL A 131 -1.63 -18.58 2.08
N SER A 132 -1.11 -19.72 1.62
CA SER A 132 0.22 -19.71 1.03
C SER A 132 0.32 -18.81 -0.20
N LEU A 133 1.53 -18.27 -0.40
CA LEU A 133 1.73 -17.36 -1.53
C LEU A 133 1.45 -18.04 -2.85
N GLU A 134 1.71 -19.36 -2.96
CA GLU A 134 1.44 -20.02 -4.24
C GLU A 134 -0.05 -20.12 -4.52
N GLU A 135 -0.85 -20.43 -3.48
CA GLU A 135 -2.31 -20.43 -3.64
C GLU A 135 -2.83 -19.05 -4.05
N ILE A 136 -2.33 -17.98 -3.38
CA ILE A 136 -2.85 -16.67 -3.76
C ILE A 136 -2.39 -16.30 -5.16
N ALA A 137 -1.13 -16.61 -5.52
CA ALA A 137 -0.66 -16.31 -6.87
C ALA A 137 -1.49 -17.04 -7.94
N ALA A 138 -1.96 -18.26 -7.62
CA ALA A 138 -2.75 -19.04 -8.59
C ALA A 138 -4.08 -18.38 -8.92
N VAL A 139 -4.56 -17.45 -8.09
CA VAL A 139 -5.75 -16.70 -8.44
C VAL A 139 -5.55 -15.91 -9.73
N GLY A 140 -4.33 -15.51 -10.03
CA GLY A 140 -4.04 -14.77 -11.25
C GLY A 140 -3.88 -13.29 -10.94
N GLY A 141 -4.17 -12.44 -11.90
CA GLY A 141 -4.07 -10.99 -11.64
C GLY A 141 -2.63 -10.55 -11.70
N ARG A 142 -2.36 -9.48 -10.96
CA ARG A 142 -0.99 -8.92 -10.91
C ARG A 142 -0.45 -9.05 -9.49
N PRO A 143 -0.02 -10.24 -9.05
CA PRO A 143 0.43 -10.33 -7.65
C PRO A 143 1.83 -9.75 -7.51
N TRP A 144 1.98 -8.92 -6.47
CA TRP A 144 3.30 -8.57 -5.97
C TRP A 144 3.55 -9.37 -4.72
N PHE A 145 4.80 -9.38 -4.20
CA PHE A 145 5.09 -10.11 -2.99
C PHE A 145 5.85 -9.21 -2.00
N GLN A 146 5.34 -9.10 -0.80
CA GLN A 146 5.97 -8.31 0.26
C GLN A 146 6.89 -9.20 1.07
N LEU A 147 8.11 -8.75 1.29
CA LEU A 147 9.11 -9.51 2.03
C LEU A 147 9.41 -8.89 3.39
N PHE A 148 9.38 -9.68 4.47
CA PHE A 148 10.05 -9.38 5.73
C PHE A 148 11.37 -10.15 5.73
N TRP A 149 12.43 -9.46 6.10
CA TRP A 149 13.75 -10.07 6.23
C TRP A 149 13.77 -11.04 7.41
N LEU A 150 14.19 -12.27 7.13
CA LEU A 150 14.23 -13.33 8.13
C LEU A 150 15.60 -13.41 8.79
N ARG A 151 15.63 -14.12 9.91
CA ARG A 151 16.85 -14.43 10.65
C ARG A 151 18.03 -14.86 9.77
N ASP A 152 17.84 -15.40 8.56
CA ASP A 152 19.01 -15.67 7.73
C ASP A 152 18.79 -15.38 6.23
N GLU A 153 19.89 -14.93 5.59
CA GLU A 153 19.84 -14.53 4.19
C GLU A 153 19.28 -15.63 3.28
N LYS A 154 19.60 -16.90 3.56
CA LYS A 154 19.20 -17.95 2.62
C LYS A 154 17.70 -18.18 2.65
N ARG A 155 17.10 -18.18 3.83
CA ARG A 155 15.66 -18.34 3.92
C ARG A 155 14.93 -17.15 3.29
N SER A 156 15.39 -15.93 3.56
CA SER A 156 14.78 -14.75 2.96
CA SER A 156 14.68 -14.81 2.98
C SER A 156 14.71 -14.88 1.47
N LEU A 157 15.84 -15.30 0.90
CA LEU A 157 16.00 -15.39 -0.52
C LEU A 157 15.16 -16.54 -1.08
N ASP A 158 14.90 -17.57 -0.25
CA ASP A 158 14.01 -18.65 -0.69
C ASP A 158 12.58 -18.15 -0.87
N LEU A 159 12.09 -17.29 0.03
CA LEU A 159 10.76 -16.73 -0.16
CA LEU A 159 10.78 -16.71 -0.14
C LEU A 159 10.73 -15.88 -1.42
N VAL A 160 11.80 -15.12 -1.67
CA VAL A 160 11.84 -14.32 -2.88
C VAL A 160 11.77 -15.23 -4.10
N ARG A 161 12.52 -16.33 -4.08
CA ARG A 161 12.53 -17.23 -5.23
C ARG A 161 11.18 -17.92 -5.39
N ARG A 162 10.54 -18.32 -4.29
CA ARG A 162 9.18 -18.86 -4.37
C ARG A 162 8.24 -17.88 -5.00
N ALA A 163 8.30 -16.60 -4.58
CA ALA A 163 7.40 -15.61 -5.13
C ALA A 163 7.61 -15.47 -6.62
N GLU A 164 8.88 -15.36 -7.04
CA GLU A 164 9.20 -15.23 -8.46
C GLU A 164 8.71 -16.46 -9.24
N ASP A 165 8.97 -17.66 -8.70
CA ASP A 165 8.55 -18.88 -9.41
C ASP A 165 7.04 -18.93 -9.55
N ALA A 166 6.31 -18.37 -8.59
CA ALA A 166 4.84 -18.39 -8.58
C ALA A 166 4.24 -17.32 -9.47
N GLY A 167 5.04 -16.44 -10.08
CA GLY A 167 4.54 -15.41 -10.95
C GLY A 167 4.35 -14.04 -10.35
N CYS A 168 4.89 -13.80 -9.14
CA CYS A 168 4.79 -12.44 -8.62
C CYS A 168 5.66 -11.52 -9.47
N GLU A 169 5.25 -10.25 -9.55
N GLU A 169 5.26 -10.25 -9.58
CA GLU A 169 5.80 -9.31 -10.50
CA GLU A 169 5.92 -9.36 -10.53
C GLU A 169 6.79 -8.33 -9.88
C GLU A 169 6.67 -8.20 -9.88
N ALA A 170 6.76 -8.17 -8.56
CA ALA A 170 7.63 -7.20 -7.87
C ALA A 170 7.82 -7.71 -6.47
N ILE A 171 8.98 -7.37 -5.87
CA ILE A 171 9.26 -7.70 -4.48
C ILE A 171 9.16 -6.40 -3.68
N VAL A 172 8.18 -6.34 -2.78
CA VAL A 172 7.95 -5.14 -1.95
C VAL A 172 8.67 -5.43 -0.65
N PHE A 173 9.93 -4.95 -0.51
CA PHE A 173 10.74 -5.26 0.67
C PHE A 173 10.38 -4.23 1.76
N THR A 174 9.82 -4.67 2.87
CA THR A 174 9.46 -3.74 3.95
C THR A 174 10.72 -3.38 4.70
N VAL A 175 11.03 -2.08 4.76
CA VAL A 175 12.30 -1.63 5.34
C VAL A 175 12.13 -0.83 6.62
N ASP A 176 10.90 -0.74 7.16
CA ASP A 176 10.62 0.07 8.35
C ASP A 176 10.26 -0.76 9.57
N VAL A 177 10.54 -2.09 9.51
CA VAL A 177 10.18 -3.00 10.58
C VAL A 177 11.44 -3.76 10.98
N PRO A 178 12.45 -3.11 11.58
CA PRO A 178 13.50 -3.92 12.23
C PRO A 178 12.92 -4.78 13.32
N TRP A 179 11.84 -4.33 13.95
CA TRP A 179 10.97 -5.10 14.82
C TRP A 179 9.62 -4.43 14.78
N MET A 180 8.59 -5.11 15.29
CA MET A 180 7.26 -4.51 15.36
C MET A 180 7.19 -3.37 16.38
N GLY A 181 6.49 -2.30 16.01
CA GLY A 181 6.18 -1.22 16.93
C GLY A 181 5.35 -1.64 18.13
N ARG A 182 5.19 -0.70 19.06
N ARG A 182 5.19 -0.71 19.06
CA ARG A 182 4.48 -0.92 20.33
CA ARG A 182 4.48 -0.96 20.32
C ARG A 182 3.00 -0.58 20.14
C ARG A 182 3.01 -0.60 20.13
N ARG A 183 2.18 -1.62 19.91
CA ARG A 183 0.75 -1.45 19.58
C ARG A 183 -0.03 -1.55 20.89
N LEU A 184 -0.32 -0.41 21.50
CA LEU A 184 -0.88 -0.43 22.86
C LEU A 184 -2.28 -1.02 22.90
N ARG A 185 -3.07 -0.85 21.84
CA ARG A 185 -4.37 -1.54 21.83
C ARG A 185 -4.17 -3.05 21.94
N ASP A 186 -3.19 -3.59 21.20
CA ASP A 186 -2.97 -5.03 21.23
C ASP A 186 -2.47 -5.46 22.59
N MET A 187 -1.61 -4.65 23.20
CA MET A 187 -1.11 -4.99 24.54
C MET A 187 -2.24 -4.98 25.55
N ARG A 188 -3.08 -3.95 25.50
CA ARG A 188 -4.19 -3.82 26.44
C ARG A 188 -5.21 -4.92 26.25
N ASN A 189 -5.44 -5.33 24.99
CA ASN A 189 -6.39 -6.39 24.69
C ASN A 189 -5.80 -7.78 24.95
N GLY A 190 -4.51 -7.88 25.19
CA GLY A 190 -3.84 -9.18 25.19
C GLY A 190 -4.03 -9.93 23.88
N PHE A 191 -3.96 -9.22 22.76
CA PHE A 191 -4.28 -9.83 21.48
C PHE A 191 -3.28 -10.90 21.06
N ALA A 192 -3.79 -12.03 20.59
CA ALA A 192 -2.96 -13.06 19.96
C ALA A 192 -3.75 -13.65 18.80
N LEU A 193 -3.02 -14.27 17.87
CA LEU A 193 -3.66 -14.89 16.72
C LEU A 193 -4.53 -16.05 17.20
N PRO A 194 -5.77 -16.15 16.75
CA PRO A 194 -6.55 -17.37 17.00
C PRO A 194 -5.80 -18.59 16.48
N GLU A 195 -6.12 -19.74 17.06
CA GLU A 195 -5.46 -20.95 16.60
C GLU A 195 -5.78 -21.25 15.14
N TRP A 196 -6.90 -20.75 14.61
CA TRP A 196 -7.30 -21.02 13.23
C TRP A 196 -6.61 -20.11 12.21
N VAL A 197 -5.73 -19.21 12.62
CA VAL A 197 -5.00 -18.36 11.69
C VAL A 197 -3.52 -18.69 11.84
N THR A 198 -2.85 -19.03 10.75
CA THR A 198 -1.41 -19.29 10.79
C THR A 198 -0.67 -18.57 9.66
N ALA A 199 0.64 -18.50 9.81
CA ALA A 199 1.56 -17.98 8.80
C ALA A 199 1.80 -19.12 7.80
N ALA A 200 0.98 -19.15 6.75
CA ALA A 200 0.91 -20.28 5.84
C ALA A 200 2.13 -20.46 4.95
N ASN A 201 3.04 -19.46 4.84
CA ASN A 201 4.24 -19.63 4.05
C ASN A 201 5.33 -20.38 4.80
N PHE A 202 5.10 -20.67 6.09
CA PHE A 202 6.11 -21.29 6.96
C PHE A 202 5.67 -22.67 7.45
N ASP A 203 6.65 -23.52 7.70
CA ASP A 203 6.44 -24.89 8.18
C ASP A 203 6.58 -24.95 9.71
N PHE A 226 12.82 -13.54 12.23
CA PHE A 226 12.96 -12.23 11.60
C PHE A 226 14.16 -11.41 12.13
N ALA A 227 14.69 -10.49 11.32
CA ALA A 227 15.88 -9.73 11.68
C ALA A 227 15.80 -8.34 11.05
N PRO A 228 16.46 -7.34 11.65
CA PRO A 228 16.54 -6.03 10.98
C PRO A 228 17.22 -6.14 9.62
N ALA A 229 16.56 -5.58 8.60
CA ALA A 229 17.17 -5.45 7.28
C ALA A 229 18.11 -4.25 7.22
N THR A 230 19.13 -4.37 6.38
CA THR A 230 20.06 -3.29 6.08
C THR A 230 20.19 -3.12 4.57
N TRP A 231 20.95 -2.10 4.17
CA TRP A 231 21.26 -1.94 2.76
C TRP A 231 21.95 -3.17 2.16
N GLU A 232 22.72 -3.92 2.97
CA GLU A 232 23.28 -5.18 2.49
CA GLU A 232 23.27 -5.19 2.53
C GLU A 232 22.17 -6.17 2.16
N SER A 233 21.09 -6.19 2.95
CA SER A 233 19.98 -7.11 2.65
C SER A 233 19.31 -6.73 1.35
N VAL A 234 19.14 -5.43 1.11
CA VAL A 234 18.59 -4.96 -0.17
C VAL A 234 19.42 -5.47 -1.33
N GLU A 235 20.75 -5.36 -1.22
CA GLU A 235 21.58 -5.79 -2.33
C GLU A 235 21.48 -7.31 -2.53
N ALA A 236 21.37 -8.07 -1.44
CA ALA A 236 21.25 -9.52 -1.58
C ALA A 236 19.95 -9.85 -2.34
N VAL A 237 18.87 -9.14 -2.03
CA VAL A 237 17.63 -9.39 -2.74
C VAL A 237 17.75 -8.98 -4.20
N ARG A 238 18.27 -7.79 -4.45
CA ARG A 238 18.45 -7.27 -5.82
C ARG A 238 19.27 -8.22 -6.68
N ALA A 239 20.29 -8.84 -6.11
CA ALA A 239 21.13 -9.76 -6.87
C ALA A 239 20.45 -11.11 -7.11
N HIS A 240 19.43 -11.46 -6.33
CA HIS A 240 18.79 -12.76 -6.35
C HIS A 240 17.57 -12.81 -7.28
N THR A 241 17.14 -11.68 -7.83
CA THR A 241 15.91 -11.65 -8.63
C THR A 241 16.05 -10.66 -9.76
N ASP A 242 15.37 -10.95 -10.89
CA ASP A 242 15.20 -9.96 -11.95
C ASP A 242 13.96 -9.09 -11.75
N LEU A 243 13.16 -9.39 -10.72
CA LEU A 243 11.96 -8.60 -10.50
C LEU A 243 12.36 -7.24 -9.95
N PRO A 244 11.56 -6.20 -10.20
CA PRO A 244 11.80 -4.91 -9.52
C PRO A 244 11.66 -5.04 -8.03
N VAL A 245 12.59 -4.41 -7.29
CA VAL A 245 12.57 -4.40 -5.83
C VAL A 245 12.07 -3.03 -5.41
N VAL A 246 11.06 -3.02 -4.57
CA VAL A 246 10.38 -1.79 -4.14
C VAL A 246 10.57 -1.68 -2.64
N LEU A 247 11.20 -0.59 -2.16
CA LEU A 247 11.47 -0.48 -0.72
C LEU A 247 10.30 0.25 -0.07
N LYS A 248 9.56 -0.45 0.83
CA LYS A 248 8.38 0.13 1.45
C LYS A 248 8.71 0.63 2.86
N GLY A 249 8.44 1.90 3.11
CA GLY A 249 8.71 2.50 4.41
C GLY A 249 9.80 3.55 4.38
N ILE A 250 10.04 4.20 3.24
CA ILE A 250 11.06 5.26 3.11
C ILE A 250 10.40 6.58 3.48
N LEU A 251 11.07 7.37 4.33
CA LEU A 251 10.58 8.73 4.63
C LEU A 251 11.67 9.80 4.45
N ALA A 252 12.94 9.46 4.67
CA ALA A 252 14.01 10.48 4.56
C ALA A 252 14.40 10.64 3.09
N VAL A 253 14.58 11.90 2.67
CA VAL A 253 14.97 12.16 1.29
C VAL A 253 16.25 11.41 0.92
N GLU A 254 17.27 11.39 1.80
N GLU A 254 17.20 11.40 1.84
CA GLU A 254 18.48 10.68 1.37
CA GLU A 254 18.47 10.74 1.59
C GLU A 254 18.29 9.16 1.29
C GLU A 254 18.32 9.23 1.41
N ASP A 255 17.35 8.62 2.09
CA ASP A 255 17.06 7.20 1.90
C ASP A 255 16.36 6.95 0.56
N ALA A 256 15.55 7.89 0.07
CA ALA A 256 14.96 7.72 -1.27
C ALA A 256 16.06 7.77 -2.33
N ARG A 257 16.98 8.74 -2.18
CA ARG A 257 18.09 8.80 -3.13
CA ARG A 257 18.08 8.81 -3.14
C ARG A 257 18.93 7.54 -3.07
N ARG A 258 19.25 7.07 -1.85
CA ARG A 258 20.06 5.86 -1.78
C ARG A 258 19.32 4.67 -2.36
N ALA A 259 17.98 4.62 -2.21
CA ALA A 259 17.21 3.53 -2.82
C ALA A 259 17.40 3.49 -4.32
N VAL A 260 17.39 4.66 -4.98
CA VAL A 260 17.65 4.67 -6.41
C VAL A 260 19.06 4.18 -6.70
N ASP A 261 20.04 4.69 -5.95
CA ASP A 261 21.44 4.30 -6.17
C ASP A 261 21.62 2.80 -5.98
N ALA A 262 20.86 2.20 -5.07
CA ALA A 262 20.91 0.78 -4.76
C ALA A 262 20.22 -0.09 -5.80
N GLY A 263 19.56 0.48 -6.79
CA GLY A 263 18.93 -0.27 -7.85
C GLY A 263 17.46 -0.62 -7.59
N ALA A 264 16.85 0.04 -6.62
CA ALA A 264 15.42 -0.17 -6.43
C ALA A 264 14.65 0.31 -7.64
N GLY A 265 13.61 -0.47 -8.00
CA GLY A 265 12.68 -0.06 -9.03
C GLY A 265 11.57 0.85 -8.53
N GLY A 266 11.40 0.90 -7.21
CA GLY A 266 10.41 1.80 -6.63
C GLY A 266 10.62 1.90 -5.14
N ILE A 267 9.90 2.88 -4.55
CA ILE A 267 9.82 3.02 -3.10
C ILE A 267 8.38 3.31 -2.75
N VAL A 268 8.00 2.99 -1.53
CA VAL A 268 6.71 3.43 -0.99
C VAL A 268 7.03 4.36 0.16
N VAL A 269 6.66 5.62 -0.01
CA VAL A 269 6.85 6.65 1.00
C VAL A 269 5.73 6.45 2.04
N SER A 270 6.10 6.13 3.29
CA SER A 270 5.12 5.50 4.19
C SER A 270 5.65 5.54 5.61
N ASN A 271 4.76 5.78 6.60
CA ASN A 271 5.10 5.53 8.00
C ASN A 271 4.41 4.28 8.51
N HIS A 272 4.08 3.38 7.61
CA HIS A 272 3.50 2.07 7.99
C HIS A 272 2.15 2.26 8.67
N GLY A 273 1.35 3.20 8.14
CA GLY A 273 0.02 3.40 8.73
C GLY A 273 0.05 3.82 10.17
N GLY A 274 1.13 4.48 10.61
CA GLY A 274 1.23 4.86 12.01
C GLY A 274 1.43 3.73 12.98
N ARG A 275 1.90 2.58 12.50
CA ARG A 275 2.04 1.37 13.31
C ARG A 275 3.46 1.11 13.78
N GLN A 276 4.45 1.89 13.29
CA GLN A 276 5.86 1.64 13.58
C GLN A 276 6.37 2.74 14.51
N LEU A 277 7.18 3.72 14.04
CA LEU A 277 7.59 4.79 14.97
C LEU A 277 6.42 5.74 15.18
N ASP A 278 5.95 5.89 16.44
CA ASP A 278 4.93 6.88 16.77
C ASP A 278 5.63 8.24 16.80
N GLY A 279 5.17 9.15 15.97
CA GLY A 279 5.88 10.40 15.75
C GLY A 279 6.59 10.46 14.44
N ALA A 280 6.63 9.38 13.65
CA ALA A 280 7.16 9.46 12.30
C ALA A 280 6.26 10.34 11.45
N VAL A 281 6.89 11.20 10.66
CA VAL A 281 6.19 12.08 9.73
C VAL A 281 5.30 11.25 8.78
N PRO A 282 4.12 11.75 8.40
CA PRO A 282 3.37 11.09 7.31
C PRO A 282 4.11 11.06 5.99
N GLY A 283 3.97 9.96 5.25
CA GLY A 283 4.56 9.88 3.93
C GLY A 283 4.09 11.01 3.00
N ILE A 284 2.80 11.36 3.08
CA ILE A 284 2.28 12.40 2.19
CA ILE A 284 2.27 12.42 2.21
C ILE A 284 3.00 13.74 2.43
N GLU A 285 3.54 13.98 3.62
CA GLU A 285 4.29 15.22 3.90
C GLU A 285 5.71 15.19 3.34
N MET A 286 6.28 14.02 3.10
CA MET A 286 7.61 13.92 2.49
C MET A 286 7.57 13.70 0.98
N LEU A 287 6.38 13.38 0.43
CA LEU A 287 6.30 12.88 -0.93
C LEU A 287 6.85 13.86 -1.95
N GLY A 288 6.45 15.14 -1.88
CA GLY A 288 6.88 16.08 -2.92
C GLY A 288 8.39 16.23 -2.92
N GLU A 289 9.00 16.34 -1.74
N GLU A 289 8.99 16.37 -1.73
CA GLU A 289 10.44 16.50 -1.67
CA GLU A 289 10.45 16.48 -1.60
C GLU A 289 11.16 15.25 -2.18
C GLU A 289 11.12 15.25 -2.21
N ILE A 290 10.60 14.06 -1.89
CA ILE A 290 11.18 12.82 -2.37
C ILE A 290 11.05 12.69 -3.88
N VAL A 291 9.87 13.06 -4.44
CA VAL A 291 9.71 12.98 -5.89
C VAL A 291 10.72 13.90 -6.60
N ALA A 292 10.95 15.10 -6.05
CA ALA A 292 11.93 15.98 -6.67
C ALA A 292 13.33 15.39 -6.58
N ALA A 293 13.70 14.78 -5.45
CA ALA A 293 15.06 14.26 -5.28
C ALA A 293 15.34 13.04 -6.14
N VAL A 294 14.31 12.23 -6.41
CA VAL A 294 14.65 11.05 -7.19
CA VAL A 294 14.43 11.00 -7.18
C VAL A 294 14.59 11.31 -8.67
N SER A 295 13.81 12.35 -9.08
N SER A 295 14.11 12.47 -9.16
CA SER A 295 13.83 12.92 -10.41
CA SER A 295 14.27 12.82 -10.59
C SER A 295 13.75 11.86 -11.48
C SER A 295 13.89 11.68 -11.55
N GLY A 296 12.76 11.00 -11.29
CA GLY A 296 12.36 9.94 -12.22
C GLY A 296 13.16 8.66 -12.13
N GLY A 297 14.08 8.53 -11.18
CA GLY A 297 14.94 7.36 -11.11
C GLY A 297 14.26 6.08 -10.67
N CYS A 298 13.10 6.15 -10.03
CA CYS A 298 12.31 4.97 -9.66
C CYS A 298 10.85 5.41 -9.50
N GLU A 299 9.95 4.43 -9.44
CA GLU A 299 8.56 4.77 -9.13
C GLU A 299 8.46 5.18 -7.66
N VAL A 300 7.62 6.18 -7.37
CA VAL A 300 7.46 6.66 -6.01
C VAL A 300 6.00 6.52 -5.64
N LEU A 301 5.70 5.52 -4.82
CA LEU A 301 4.36 5.28 -4.31
C LEU A 301 4.23 5.93 -2.94
N VAL A 302 3.00 6.07 -2.46
CA VAL A 302 2.75 6.59 -1.12
C VAL A 302 1.60 5.80 -0.53
N ASP A 303 1.58 5.70 0.79
CA ASP A 303 0.39 5.15 1.45
C ASP A 303 0.16 5.86 2.77
N GLY A 304 -0.91 5.48 3.44
CA GLY A 304 -1.25 6.02 4.73
C GLY A 304 -2.47 6.92 4.65
N GLY A 305 -3.65 6.41 5.01
CA GLY A 305 -4.83 7.25 5.08
C GLY A 305 -5.51 7.55 3.76
N ILE A 306 -5.19 6.87 2.65
CA ILE A 306 -5.95 7.11 1.42
C ILE A 306 -7.36 6.52 1.61
N ARG A 307 -8.39 7.38 1.55
CA ARG A 307 -9.76 6.95 1.87
C ARG A 307 -10.75 7.38 0.80
N SER A 308 -10.31 7.87 -0.34
CA SER A 308 -11.22 8.25 -1.41
C SER A 308 -10.46 8.44 -2.71
N GLY A 309 -11.19 8.53 -3.81
CA GLY A 309 -10.57 8.90 -5.07
C GLY A 309 -9.99 10.31 -5.03
N GLY A 310 -10.60 11.22 -4.28
CA GLY A 310 -10.00 12.53 -4.11
C GLY A 310 -8.65 12.48 -3.40
N ASP A 311 -8.49 11.55 -2.46
CA ASP A 311 -7.19 11.40 -1.82
C ASP A 311 -6.17 10.84 -2.81
N VAL A 312 -6.59 9.90 -3.66
CA VAL A 312 -5.69 9.42 -4.73
C VAL A 312 -5.27 10.59 -5.62
N LEU A 313 -6.21 11.47 -5.97
CA LEU A 313 -5.85 12.62 -6.77
C LEU A 313 -4.85 13.49 -6.04
N LYS A 314 -5.05 13.73 -4.74
CA LYS A 314 -4.06 14.55 -4.02
C LYS A 314 -2.69 13.92 -4.07
N ALA A 315 -2.61 12.60 -3.81
CA ALA A 315 -1.32 11.93 -3.84
C ALA A 315 -0.67 12.06 -5.20
N THR A 316 -1.45 11.86 -6.28
CA THR A 316 -0.93 11.98 -7.64
CA THR A 316 -0.85 11.98 -7.61
C THR A 316 -0.41 13.41 -7.88
N ALA A 317 -1.20 14.41 -7.46
CA ALA A 317 -0.81 15.81 -7.67
C ALA A 317 0.46 16.15 -6.92
N LEU A 318 0.70 15.49 -5.79
CA LEU A 318 1.98 15.68 -5.07
C LEU A 318 3.12 14.89 -5.71
N GLY A 319 2.85 14.07 -6.71
CA GLY A 319 3.88 13.41 -7.49
C GLY A 319 3.91 11.90 -7.42
N ALA A 320 3.01 11.25 -6.66
CA ALA A 320 3.04 9.80 -6.56
C ALA A 320 2.74 9.14 -7.90
N SER A 321 3.43 8.03 -8.16
CA SER A 321 3.15 7.14 -9.28
C SER A 321 1.85 6.38 -9.03
N ALA A 322 1.59 6.04 -7.78
CA ALA A 322 0.46 5.24 -7.37
C ALA A 322 0.40 5.24 -5.86
N VAL A 323 -0.73 4.79 -5.33
CA VAL A 323 -0.90 4.68 -3.88
C VAL A 323 -1.05 3.22 -3.50
N LEU A 324 -0.86 2.94 -2.22
CA LEU A 324 -1.37 1.69 -1.61
C LEU A 324 -2.53 2.03 -0.72
N VAL A 325 -3.48 1.08 -0.63
CA VAL A 325 -4.63 1.21 0.28
C VAL A 325 -4.67 -0.05 1.15
N GLY A 326 -4.69 0.12 2.48
CA GLY A 326 -4.62 -0.99 3.42
C GLY A 326 -5.93 -1.19 4.16
N ARG A 327 -6.12 -0.48 5.26
CA ARG A 327 -7.30 -0.72 6.10
C ARG A 327 -8.62 -0.77 5.33
N PRO A 328 -8.93 0.12 4.40
CA PRO A 328 -10.25 0.07 3.76
C PRO A 328 -10.51 -1.25 3.06
N VAL A 329 -9.46 -1.86 2.49
CA VAL A 329 -9.66 -3.15 1.80
C VAL A 329 -10.07 -4.20 2.82
N MET A 330 -9.50 -4.16 4.03
CA MET A 330 -9.88 -5.12 5.05
C MET A 330 -11.25 -4.81 5.59
N TRP A 331 -11.67 -3.53 5.64
CA TRP A 331 -13.05 -3.25 6.04
C TRP A 331 -14.03 -3.92 5.08
N ALA A 332 -13.76 -3.80 3.79
CA ALA A 332 -14.67 -4.38 2.78
C ALA A 332 -14.66 -5.90 2.89
N LEU A 333 -13.48 -6.50 3.06
CA LEU A 333 -13.38 -7.96 3.26
C LEU A 333 -14.17 -8.41 4.48
N ALA A 334 -14.03 -7.70 5.59
CA ALA A 334 -14.78 -8.06 6.80
C ALA A 334 -16.28 -7.90 6.58
N ALA A 335 -16.69 -6.84 5.90
CA ALA A 335 -18.12 -6.54 5.76
C ALA A 335 -18.82 -7.54 4.85
N ALA A 336 -18.15 -7.97 3.77
CA ALA A 336 -18.88 -8.70 2.73
C ALA A 336 -17.98 -9.57 1.86
N GLY A 337 -16.80 -9.95 2.33
CA GLY A 337 -15.98 -10.91 1.62
C GLY A 337 -15.51 -10.41 0.24
N GLN A 338 -15.36 -11.34 -0.70
CA GLN A 338 -14.93 -10.96 -2.04
C GLN A 338 -15.81 -9.88 -2.64
N ASP A 339 -17.14 -10.03 -2.54
CA ASP A 339 -18.05 -9.04 -3.12
CA ASP A 339 -18.02 -9.03 -3.15
C ASP A 339 -17.86 -7.67 -2.48
N GLY A 340 -17.56 -7.64 -1.18
CA GLY A 340 -17.30 -6.37 -0.51
C GLY A 340 -16.07 -5.70 -1.07
N VAL A 341 -14.99 -6.46 -1.28
CA VAL A 341 -13.80 -5.87 -1.86
C VAL A 341 -14.08 -5.40 -3.27
N ARG A 342 -14.83 -6.17 -4.07
CA ARG A 342 -15.21 -5.72 -5.41
C ARG A 342 -15.96 -4.40 -5.34
N GLN A 343 -16.90 -4.26 -4.42
CA GLN A 343 -17.67 -3.02 -4.33
C GLN A 343 -16.75 -1.86 -3.93
N LEU A 344 -15.81 -2.12 -3.01
CA LEU A 344 -14.88 -1.05 -2.61
C LEU A 344 -14.08 -0.60 -3.81
N LEU A 345 -13.53 -1.53 -4.60
CA LEU A 345 -12.69 -1.16 -5.71
C LEU A 345 -13.47 -0.47 -6.82
N GLU A 346 -14.72 -0.88 -7.04
CA GLU A 346 -15.48 -0.15 -8.05
CA GLU A 346 -15.58 -0.19 -7.99
C GLU A 346 -15.85 1.25 -7.55
N LEU A 347 -16.12 1.42 -6.25
CA LEU A 347 -16.35 2.77 -5.72
C LEU A 347 -15.10 3.61 -5.87
N LEU A 348 -13.95 3.07 -5.50
CA LEU A 348 -12.70 3.84 -5.65
C LEU A 348 -12.45 4.18 -7.11
N ALA A 349 -12.69 3.25 -8.04
CA ALA A 349 -12.51 3.56 -9.45
C ALA A 349 -13.42 4.70 -9.88
N GLU A 350 -14.68 4.69 -9.43
CA GLU A 350 -15.58 5.77 -9.80
C GLU A 350 -15.11 7.10 -9.22
N GLU A 351 -14.66 7.07 -7.95
CA GLU A 351 -14.21 8.31 -7.29
C GLU A 351 -12.95 8.84 -7.96
N VAL A 352 -12.03 7.97 -8.39
CA VAL A 352 -10.81 8.45 -9.05
C VAL A 352 -11.15 9.07 -10.41
N ARG A 353 -12.00 8.40 -11.22
N ARG A 353 -12.01 8.41 -11.20
CA ARG A 353 -12.41 8.96 -12.50
CA ARG A 353 -12.39 8.96 -12.50
C ARG A 353 -13.08 10.32 -12.30
C ARG A 353 -13.10 10.31 -12.32
N ASP A 354 -14.01 10.38 -11.35
CA ASP A 354 -14.72 11.62 -11.06
C ASP A 354 -13.75 12.74 -10.69
N ALA A 355 -12.85 12.45 -9.75
CA ALA A 355 -11.92 13.51 -9.30
C ALA A 355 -11.01 13.95 -10.42
N MET A 356 -10.49 13.00 -11.21
CA MET A 356 -9.61 13.38 -12.31
C MET A 356 -10.30 14.27 -13.29
N GLY A 357 -11.52 13.89 -13.71
CA GLY A 357 -12.20 14.69 -14.71
C GLY A 357 -12.58 16.07 -14.21
N LEU A 358 -13.10 16.12 -12.97
CA LEU A 358 -13.44 17.42 -12.39
C LEU A 358 -12.21 18.31 -12.29
N ALA A 359 -11.02 17.72 -12.14
CA ALA A 359 -9.75 18.46 -12.11
C ALA A 359 -9.11 18.68 -13.49
N GLY A 360 -9.81 18.30 -14.58
CA GLY A 360 -9.32 18.53 -15.90
C GLY A 360 -8.25 17.59 -16.36
N CYS A 361 -8.22 16.38 -15.83
CA CYS A 361 -7.15 15.45 -16.14
C CYS A 361 -7.65 14.24 -16.91
N GLU A 362 -7.18 14.07 -18.15
CA GLU A 362 -7.60 12.93 -18.95
C GLU A 362 -6.73 11.73 -18.68
N SER A 363 -5.64 11.90 -17.96
CA SER A 363 -4.73 10.81 -17.64
C SER A 363 -4.10 11.05 -16.29
N VAL A 364 -3.54 9.98 -15.70
CA VAL A 364 -2.83 10.10 -14.44
C VAL A 364 -1.62 11.03 -14.60
N GLY A 365 -0.94 10.98 -15.74
CA GLY A 365 0.18 11.91 -15.92
C GLY A 365 -0.24 13.36 -15.82
N ALA A 366 -1.41 13.70 -16.40
CA ALA A 366 -1.90 15.06 -16.23
C ALA A 366 -2.20 15.37 -14.77
N ALA A 367 -2.75 14.41 -14.02
CA ALA A 367 -2.98 14.65 -12.61
C ALA A 367 -1.69 14.92 -11.84
N ARG A 368 -0.57 14.29 -12.23
CA ARG A 368 0.69 14.56 -11.56
C ARG A 368 1.18 15.98 -11.80
N ARG A 369 0.71 16.65 -12.86
CA ARG A 369 1.08 18.04 -13.15
C ARG A 369 0.15 19.05 -12.48
N LEU A 370 -0.90 18.59 -11.78
CA LEU A 370 -1.71 19.54 -11.00
C LEU A 370 -0.88 20.17 -9.89
N ASN A 371 -1.24 21.44 -9.57
CA ASN A 371 -0.69 22.08 -8.39
C ASN A 371 -1.64 21.94 -7.21
N THR A 372 -1.08 22.13 -6.02
CA THR A 372 -1.80 22.00 -4.75
C THR A 372 -1.54 23.23 -3.91
N LYS A 373 -2.37 23.39 -2.88
CA LYS A 373 -2.19 24.48 -1.93
CA LYS A 373 -2.21 24.49 -1.93
C LYS A 373 -2.56 23.94 -0.56
N LEU A 374 -1.73 24.21 0.45
CA LEU A 374 -2.11 23.78 1.79
C LEU A 374 -3.13 24.75 2.41
N GLY A 375 -4.09 24.17 3.12
CA GLY A 375 -5.15 24.92 3.77
C GLY A 375 -5.12 24.65 5.26
N VAL A 376 -6.23 24.87 5.98
CA VAL A 376 -6.26 24.68 7.44
C VAL A 376 -7.39 23.76 7.91
#